data_6L0Z
#
_entry.id   6L0Z
#
_cell.length_a   87.714
_cell.length_b   89.692
_cell.length_c   64.066
_cell.angle_alpha   90.000
_cell.angle_beta   114.766
_cell.angle_gamma   90.000
#
_symmetry.space_group_name_H-M   'C 1 2 1'
#
loop_
_entity.id
_entity.type
_entity.pdbx_description
1 polymer 'Maltodextrin-binding protein'
2 branched alpha-D-glucopyranose-(1-4)-alpha-D-glucopyranose
3 non-polymer (4S)-2-METHYL-2,4-PENTANEDIOL
4 non-polymer METHOXYETHANE
5 non-polymer 'MAGNESIUM ION'
6 non-polymer 1,5-anhydro-D-glucitol
7 non-polymer 2-AMINO-2-HYDROXYMETHYL-PROPANE-1,3-DIOL
8 non-polymer GLYCEROL
9 water water
#
_entity_poly.entity_id   1
_entity_poly.type   'polypeptide(L)'
_entity_poly.pdbx_seq_one_letter_code
;KIEEGKLVIWINGDKGYNGLAEVGKKFEQDTGIKVTVEHPDKLEEKFPQVAATGDGPDIIFWAHDRFGGYAQSGLLAEVT
PDKAFQDKLYPFTWDAVRYNGKLIAYPIAVEALSLIYNKDLVPNPPKTWEEIPALDKELKVKGKSAIMFNLQEPYFTWPL
IAADGGYAFKFENGKYDVKDVGVDNAGAKAGLTFLIDMIKNKNMSADTDYSIAEAAFNKGETAMTINGPWAWSNIDKSKV
NYGVTLLPTFKGKPSKPFVGVLSAGINAASPNKELAKEFLENYLLTDQGLEAVNKDKPLGAVALKSFQEQLAKDPRIAAT
MDNAQKGEIMPNIPQMSAFWYAVRTAVINAASGRQTVDAALKDAQSRITK
;
_entity_poly.pdbx_strand_id   A
#
loop_
_chem_comp.id
_chem_comp.type
_chem_comp.name
_chem_comp.formula
2ME non-polymer METHOXYETHANE 'C3 H8 O'
ASO D-saccharide 1,5-anhydro-D-glucitol 'C6 H12 O5'
GLC D-saccharide, alpha linking alpha-D-glucopyranose 'C6 H12 O6'
GOL non-polymer GLYCEROL 'C3 H8 O3'
MG non-polymer 'MAGNESIUM ION' 'Mg 2'
MPD non-polymer (4S)-2-METHYL-2,4-PENTANEDIOL 'C6 H14 O2'
TRS non-polymer 2-AMINO-2-HYDROXYMETHYL-PROPANE-1,3-DIOL 'C4 H12 N O3 1'
#
# COMPACT_ATOMS: atom_id res chain seq x y z
N GLU A 4 12.59 -24.93 14.06
CA GLU A 4 11.49 -25.82 13.73
C GLU A 4 10.56 -25.92 14.94
N GLY A 5 9.26 -26.06 14.68
CA GLY A 5 8.29 -26.19 15.75
C GLY A 5 7.71 -24.89 16.25
N LYS A 6 7.86 -23.81 15.50
CA LYS A 6 7.33 -22.51 15.88
C LYS A 6 7.22 -21.68 14.62
N LEU A 7 6.53 -20.56 14.71
CA LEU A 7 6.39 -19.67 13.56
C LEU A 7 6.91 -18.29 13.91
N VAL A 8 7.76 -17.76 13.03
CA VAL A 8 8.18 -16.38 13.11
C VAL A 8 7.56 -15.65 11.91
N ILE A 9 6.90 -14.52 12.18
CA ILE A 9 6.20 -13.76 11.16
C ILE A 9 6.81 -12.37 11.12
N TRP A 10 7.02 -11.85 9.92
CA TRP A 10 7.40 -10.46 9.71
C TRP A 10 6.26 -9.71 9.05
N ILE A 11 5.92 -8.55 9.59
CA ILE A 11 4.89 -7.68 9.02
C ILE A 11 5.30 -6.25 9.28
N ASN A 12 4.93 -5.36 8.36
CA ASN A 12 5.36 -3.98 8.46
C ASN A 12 4.72 -3.26 9.63
N GLY A 13 5.45 -2.27 10.16
CA GLY A 13 5.08 -1.56 11.38
C GLY A 13 3.85 -0.67 11.27
N ASP A 14 3.33 -0.42 10.08
CA ASP A 14 2.08 0.34 9.96
C ASP A 14 0.84 -0.55 9.96
N LYS A 15 1.02 -1.86 10.04
CA LYS A 15 -0.10 -2.80 10.01
C LYS A 15 -0.47 -3.24 11.43
N GLY A 16 -1.55 -3.99 11.51
CA GLY A 16 -2.08 -4.47 12.79
C GLY A 16 -1.35 -5.64 13.41
N TYR A 17 -0.09 -5.41 13.80
CA TYR A 17 0.72 -6.55 14.22
C TYR A 17 0.33 -7.06 15.60
N ASN A 18 -0.24 -6.21 16.45
CA ASN A 18 -0.74 -6.71 17.73
C ASN A 18 -1.97 -7.58 17.54
N GLY A 19 -2.88 -7.18 16.65
CA GLY A 19 -3.99 -8.05 16.31
C GLY A 19 -3.56 -9.36 15.68
N LEU A 20 -2.57 -9.32 14.79
CA LEU A 20 -2.03 -10.57 14.27
C LEU A 20 -1.46 -11.43 15.39
N ALA A 21 -0.76 -10.82 16.34
CA ALA A 21 -0.21 -11.57 17.46
C ALA A 21 -1.31 -12.26 18.26
N GLU A 22 -2.50 -11.66 18.32
CA GLU A 22 -3.64 -12.30 18.98
C GLU A 22 -4.10 -13.56 18.24
N VAL A 23 -4.10 -13.52 16.90
CA VAL A 23 -4.35 -14.73 16.11
C VAL A 23 -3.28 -15.78 16.41
N GLY A 24 -2.03 -15.33 16.57
CA GLY A 24 -0.96 -16.22 16.95
C GLY A 24 -1.15 -16.85 18.32
N LYS A 25 -1.67 -16.08 19.27
CA LYS A 25 -1.93 -16.62 20.61
C LYS A 25 -3.01 -17.69 20.56
N LYS A 26 -4.04 -17.48 19.73
CA LYS A 26 -5.06 -18.51 19.57
C LYS A 26 -4.48 -19.76 18.92
N PHE A 27 -3.62 -19.58 17.91
CA PHE A 27 -2.95 -20.73 17.31
C PHE A 27 -2.20 -21.52 18.36
N GLU A 28 -1.45 -20.85 19.23
CA GLU A 28 -0.68 -21.56 20.25
C GLU A 28 -1.61 -22.28 21.23
N GLN A 29 -2.65 -21.60 21.69
N GLN A 29 -2.68 -21.62 21.64
CA GLN A 29 -3.61 -22.25 22.59
CA GLN A 29 -3.61 -22.21 22.60
C GLN A 29 -4.08 -23.57 22.02
C GLN A 29 -4.32 -23.44 22.04
N ASP A 30 -4.36 -23.60 20.72
CA ASP A 30 -4.90 -24.79 20.09
C ASP A 30 -3.86 -25.85 19.75
N THR A 31 -2.63 -25.46 19.44
CA THR A 31 -1.62 -26.36 18.90
C THR A 31 -0.40 -26.50 19.78
N GLY A 32 -0.20 -25.62 20.75
CA GLY A 32 1.05 -25.55 21.48
C GLY A 32 2.18 -24.90 20.72
N ILE A 33 1.95 -24.44 19.49
CA ILE A 33 3.02 -23.86 18.67
C ILE A 33 3.04 -22.35 18.88
N LYS A 34 4.18 -21.85 19.35
CA LYS A 34 4.41 -20.44 19.57
C LYS A 34 4.50 -19.70 18.23
N VAL A 35 3.82 -18.56 18.17
CA VAL A 35 3.85 -17.66 17.03
C VAL A 35 4.44 -16.34 17.52
N THR A 36 5.52 -15.90 16.87
CA THR A 36 6.19 -14.66 17.19
C THR A 36 6.01 -13.70 16.02
N VAL A 37 5.47 -12.52 16.28
CA VAL A 37 5.23 -11.51 15.27
C VAL A 37 6.22 -10.39 15.49
N GLU A 38 7.00 -10.07 14.47
CA GLU A 38 7.98 -8.99 14.51
C GLU A 38 7.69 -8.02 13.38
N HIS A 39 8.12 -6.77 13.56
CA HIS A 39 7.95 -5.74 12.53
C HIS A 39 9.27 -5.01 12.36
N PRO A 40 10.30 -5.68 11.84
CA PRO A 40 11.59 -5.02 11.64
C PRO A 40 11.49 -3.91 10.61
N ASP A 41 12.38 -2.93 10.75
N ASP A 41 12.36 -2.91 10.75
CA ASP A 41 12.53 -1.91 9.72
CA ASP A 41 12.42 -1.91 9.70
C ASP A 41 13.14 -2.50 8.46
C ASP A 41 13.10 -2.50 8.47
N LYS A 42 12.71 -2.00 7.30
CA LYS A 42 13.25 -2.43 6.02
C LYS A 42 13.12 -3.95 5.85
N LEU A 43 12.07 -4.52 6.43
CA LEU A 43 11.93 -5.98 6.41
C LEU A 43 11.91 -6.51 4.98
N GLU A 44 11.36 -5.73 4.05
CA GLU A 44 11.24 -6.15 2.67
C GLU A 44 12.58 -6.14 1.95
N GLU A 45 13.56 -5.37 2.45
CA GLU A 45 14.92 -5.45 1.94
C GLU A 45 15.75 -6.49 2.67
N LYS A 46 15.49 -6.68 3.97
CA LYS A 46 16.21 -7.67 4.75
C LYS A 46 15.82 -9.09 4.33
N PHE A 47 14.55 -9.31 4.01
CA PHE A 47 14.11 -10.68 3.74
C PHE A 47 14.94 -11.38 2.68
N PRO A 48 15.14 -10.80 1.50
CA PRO A 48 15.95 -11.50 0.48
C PRO A 48 17.39 -11.72 0.91
N GLN A 49 17.92 -10.90 1.80
CA GLN A 49 19.29 -11.09 2.25
C GLN A 49 19.39 -12.23 3.26
N VAL A 50 18.38 -12.41 4.10
CA VAL A 50 18.44 -13.49 5.09
C VAL A 50 17.82 -14.78 4.55
N ALA A 51 16.78 -14.70 3.71
CA ALA A 51 16.22 -15.93 3.14
C ALA A 51 17.19 -16.61 2.19
N ALA A 52 18.08 -15.85 1.53
CA ALA A 52 19.06 -16.44 0.62
C ALA A 52 20.14 -17.23 1.34
N THR A 53 20.27 -17.05 2.66
CA THR A 53 21.16 -17.83 3.50
C THR A 53 20.42 -18.88 4.33
N GLY A 54 19.15 -19.12 4.03
CA GLY A 54 18.38 -20.09 4.79
C GLY A 54 17.94 -19.61 6.15
N ASP A 55 17.97 -18.30 6.38
CA ASP A 55 17.50 -17.70 7.62
C ASP A 55 16.22 -16.93 7.34
N GLY A 56 15.80 -16.12 8.31
CA GLY A 56 14.64 -15.28 8.13
C GLY A 56 13.40 -15.80 8.82
N PRO A 57 12.26 -15.16 8.55
CA PRO A 57 11.00 -15.60 9.14
C PRO A 57 10.39 -16.75 8.34
N ASP A 58 9.47 -17.43 8.99
CA ASP A 58 8.68 -18.46 8.30
C ASP A 58 7.71 -17.82 7.33
N ILE A 59 7.10 -16.69 7.71
CA ILE A 59 6.06 -16.04 6.94
C ILE A 59 6.41 -14.56 6.84
N ILE A 60 6.33 -14.02 5.63
CA ILE A 60 6.59 -12.60 5.40
C ILE A 60 5.34 -11.96 4.81
N PHE A 61 4.95 -10.80 5.36
CA PHE A 61 3.82 -10.04 4.85
C PHE A 61 4.35 -8.79 4.13
N TRP A 62 3.82 -8.53 2.95
CA TRP A 62 4.05 -7.26 2.25
C TRP A 62 2.98 -7.13 1.20
N ALA A 63 2.88 -5.96 0.58
CA ALA A 63 2.09 -5.89 -0.64
C ALA A 63 2.71 -6.79 -1.71
N HIS A 64 1.87 -7.23 -2.63
CA HIS A 64 2.27 -8.24 -3.60
C HIS A 64 3.35 -7.79 -4.55
N ASP A 65 3.61 -6.47 -4.65
CA ASP A 65 4.57 -6.00 -5.65
C ASP A 65 5.99 -6.50 -5.39
N ARG A 66 6.31 -6.85 -4.14
CA ARG A 66 7.64 -7.30 -3.81
C ARG A 66 7.85 -8.78 -4.12
N PHE A 67 6.77 -9.52 -4.31
CA PHE A 67 6.87 -10.97 -4.20
C PHE A 67 7.37 -11.62 -5.48
N GLY A 68 7.18 -11.01 -6.66
CA GLY A 68 7.76 -11.58 -7.86
C GLY A 68 9.28 -11.63 -7.80
N GLY A 69 9.89 -10.56 -7.30
CA GLY A 69 11.33 -10.58 -7.11
C GLY A 69 11.77 -11.68 -6.16
N TYR A 70 11.03 -11.87 -5.07
CA TYR A 70 11.36 -12.96 -4.15
C TYR A 70 11.21 -14.30 -4.84
N ALA A 71 10.13 -14.49 -5.59
CA ALA A 71 9.90 -15.78 -6.24
C ALA A 71 10.95 -16.06 -7.30
N GLN A 72 11.34 -15.03 -8.04
CA GLN A 72 12.35 -15.20 -9.08
C GLN A 72 13.66 -15.71 -8.50
N SER A 73 14.01 -15.27 -7.30
CA SER A 73 15.20 -15.73 -6.61
C SER A 73 14.99 -17.02 -5.81
N GLY A 74 13.81 -17.64 -5.91
CA GLY A 74 13.57 -18.91 -5.24
C GLY A 74 13.36 -18.85 -3.75
N LEU A 75 12.99 -17.71 -3.19
CA LEU A 75 12.89 -17.55 -1.74
C LEU A 75 11.53 -17.86 -1.17
N LEU A 76 10.53 -18.16 -2.01
CA LEU A 76 9.18 -18.45 -1.57
C LEU A 76 8.77 -19.87 -1.91
N ALA A 77 8.03 -20.48 -1.00
CA ALA A 77 7.36 -21.74 -1.26
C ALA A 77 6.13 -21.54 -2.14
N GLU A 78 5.93 -22.46 -3.09
CA GLU A 78 4.65 -22.51 -3.77
C GLU A 78 3.58 -22.80 -2.72
N VAL A 79 2.48 -22.02 -2.72
CA VAL A 79 1.39 -22.29 -1.79
C VAL A 79 0.46 -23.31 -2.43
N THR A 80 -0.16 -24.15 -1.58
CA THR A 80 -0.90 -25.29 -2.07
C THR A 80 -2.36 -25.37 -1.60
N PRO A 81 -3.12 -24.27 -1.64
CA PRO A 81 -4.52 -24.38 -1.21
C PRO A 81 -5.32 -25.27 -2.14
N ASP A 82 -6.22 -26.07 -1.56
CA ASP A 82 -7.12 -26.83 -2.42
C ASP A 82 -8.16 -25.89 -3.03
N LYS A 83 -8.92 -26.43 -3.98
CA LYS A 83 -9.83 -25.59 -4.74
C LYS A 83 -10.94 -25.04 -3.87
N ALA A 84 -11.33 -25.78 -2.82
CA ALA A 84 -12.34 -25.28 -1.89
C ALA A 84 -11.84 -24.03 -1.18
N PHE A 85 -10.59 -24.04 -0.74
CA PHE A 85 -10.05 -22.84 -0.10
C PHE A 85 -9.89 -21.70 -1.11
N GLN A 86 -9.41 -22.00 -2.32
CA GLN A 86 -9.24 -20.93 -3.29
C GLN A 86 -10.56 -20.21 -3.55
N ASP A 87 -11.68 -20.95 -3.57
N ASP A 87 -11.67 -20.97 -3.56
CA ASP A 87 -12.95 -20.30 -3.85
CA ASP A 87 -12.98 -20.41 -3.78
C ASP A 87 -13.42 -19.41 -2.70
C ASP A 87 -13.33 -19.35 -2.75
N LYS A 88 -12.76 -19.45 -1.54
CA LYS A 88 -13.11 -18.55 -0.45
C LYS A 88 -12.61 -17.13 -0.66
N LEU A 89 -11.62 -16.95 -1.52
CA LEU A 89 -11.02 -15.64 -1.77
C LEU A 89 -11.32 -15.16 -3.17
N TYR A 90 -11.31 -13.84 -3.37
CA TYR A 90 -11.66 -13.28 -4.67
C TYR A 90 -10.62 -13.69 -5.73
N PRO A 91 -11.06 -14.07 -6.93
CA PRO A 91 -10.07 -14.49 -7.95
C PRO A 91 -9.00 -13.46 -8.25
N PHE A 92 -9.33 -12.18 -8.30
CA PHE A 92 -8.30 -11.22 -8.66
C PHE A 92 -7.22 -11.12 -7.60
N THR A 93 -7.53 -11.49 -6.35
CA THR A 93 -6.48 -11.47 -5.34
C THR A 93 -5.50 -12.62 -5.55
N TRP A 94 -5.99 -13.79 -5.98
CA TRP A 94 -5.06 -14.86 -6.34
C TRP A 94 -4.19 -14.45 -7.52
N ASP A 95 -4.76 -13.75 -8.50
CA ASP A 95 -3.98 -13.30 -9.65
C ASP A 95 -2.80 -12.44 -9.21
N ALA A 96 -3.00 -11.63 -8.17
CA ALA A 96 -1.95 -10.76 -7.68
C ALA A 96 -0.74 -11.53 -7.15
N VAL A 97 -0.94 -12.76 -6.70
CA VAL A 97 0.12 -13.54 -6.06
C VAL A 97 0.50 -14.74 -6.92
N ARG A 98 0.21 -14.68 -8.21
CA ARG A 98 0.65 -15.71 -9.15
C ARG A 98 1.86 -15.19 -9.91
N TYR A 99 2.89 -16.02 -10.00
CA TYR A 99 4.13 -15.65 -10.65
C TYR A 99 4.64 -16.86 -11.41
N ASN A 100 4.85 -16.70 -12.71
N ASN A 100 4.85 -16.69 -12.71
CA ASN A 100 5.30 -17.82 -13.55
CA ASN A 100 5.28 -17.79 -13.58
C ASN A 100 4.33 -19.00 -13.45
C ASN A 100 4.34 -18.99 -13.42
N GLY A 101 3.04 -18.68 -13.33
CA GLY A 101 2.02 -19.69 -13.27
C GLY A 101 1.76 -20.33 -11.92
N LYS A 102 2.57 -20.03 -10.91
CA LYS A 102 2.41 -20.62 -9.59
C LYS A 102 1.94 -19.59 -8.57
N LEU A 103 1.12 -20.05 -7.62
CA LEU A 103 0.73 -19.19 -6.50
C LEU A 103 1.89 -19.14 -5.51
N ILE A 104 2.32 -17.95 -5.11
CA ILE A 104 3.50 -17.87 -4.25
C ILE A 104 3.23 -17.05 -2.99
N ALA A 105 1.96 -16.84 -2.68
CA ALA A 105 1.58 -16.25 -1.40
C ALA A 105 0.08 -16.42 -1.23
N TYR A 106 -0.38 -16.13 0.00
CA TYR A 106 -1.79 -16.02 0.31
C TYR A 106 -2.20 -14.57 0.29
N PRO A 107 -3.17 -14.16 -0.51
CA PRO A 107 -3.65 -12.77 -0.44
C PRO A 107 -4.49 -12.54 0.81
N ILE A 108 -4.34 -11.34 1.42
CA ILE A 108 -5.01 -11.01 2.68
C ILE A 108 -6.00 -9.85 2.49
N ALA A 109 -5.53 -8.75 1.94
CA ALA A 109 -6.34 -7.54 1.91
C ALA A 109 -5.97 -6.70 0.71
N VAL A 110 -6.91 -5.89 0.27
CA VAL A 110 -6.78 -5.01 -0.88
C VAL A 110 -6.74 -3.57 -0.39
N GLU A 111 -5.65 -2.88 -0.73
CA GLU A 111 -5.35 -1.53 -0.27
C GLU A 111 -5.33 -0.55 -1.41
N ALA A 112 -5.92 0.62 -1.18
CA ALA A 112 -5.71 1.76 -2.05
C ALA A 112 -5.78 3.02 -1.21
N LEU A 113 -5.07 4.05 -1.66
CA LEU A 113 -5.15 5.35 -1.02
C LEU A 113 -6.47 6.04 -1.35
N SER A 114 -6.94 6.84 -0.38
CA SER A 114 -8.10 7.70 -0.51
C SER A 114 -7.77 9.09 0.00
N LEU A 115 -8.65 10.05 -0.31
CA LEU A 115 -8.63 11.38 0.29
C LEU A 115 -9.35 11.29 1.64
N ILE A 116 -8.67 11.69 2.70
CA ILE A 116 -9.23 11.71 4.05
C ILE A 116 -9.40 13.17 4.44
N TYR A 117 -10.60 13.57 4.88
CA TYR A 117 -10.85 14.98 5.07
C TYR A 117 -11.54 15.20 6.41
N ASN A 118 -11.29 16.37 7.01
CA ASN A 118 -11.90 16.78 8.28
C ASN A 118 -13.27 17.38 7.95
N LYS A 119 -14.32 16.68 8.34
CA LYS A 119 -15.67 17.10 7.99
C LYS A 119 -16.01 18.48 8.53
N ASP A 120 -15.36 18.91 9.60
CA ASP A 120 -15.68 20.18 10.23
C ASP A 120 -14.85 21.32 9.68
N LEU A 121 -13.75 21.02 8.99
CA LEU A 121 -12.99 22.05 8.26
C LEU A 121 -13.41 22.17 6.79
N VAL A 122 -13.73 21.07 6.13
CA VAL A 122 -14.13 21.07 4.73
C VAL A 122 -15.29 20.11 4.58
N PRO A 123 -16.50 20.58 4.88
CA PRO A 123 -17.67 19.72 4.79
C PRO A 123 -17.93 19.19 3.40
N ASN A 124 -17.55 19.95 2.37
CA ASN A 124 -17.65 19.52 0.98
C ASN A 124 -16.23 19.47 0.44
N PRO A 125 -15.57 18.33 0.51
CA PRO A 125 -14.15 18.27 0.15
C PRO A 125 -13.95 18.54 -1.34
N PRO A 126 -12.79 19.04 -1.74
CA PRO A 126 -12.57 19.40 -3.13
C PRO A 126 -12.57 18.19 -4.05
N LYS A 127 -13.21 18.34 -5.20
CA LYS A 127 -13.22 17.27 -6.17
C LYS A 127 -12.04 17.35 -7.13
N THR A 128 -11.36 18.49 -7.21
CA THR A 128 -10.21 18.69 -8.10
C THR A 128 -8.97 19.11 -7.33
N TRP A 129 -7.80 18.68 -7.84
CA TRP A 129 -6.54 19.14 -7.28
C TRP A 129 -6.36 20.64 -7.51
N GLU A 130 -6.83 21.12 -8.66
CA GLU A 130 -6.61 22.51 -9.06
C GLU A 130 -7.25 23.51 -8.11
N GLU A 131 -8.30 23.11 -7.37
CA GLU A 131 -8.94 24.03 -6.44
C GLU A 131 -8.26 24.06 -5.08
N ILE A 132 -7.26 23.21 -4.84
CA ILE A 132 -6.69 23.13 -3.50
C ILE A 132 -5.88 24.38 -3.15
N PRO A 133 -5.15 25.01 -4.07
CA PRO A 133 -4.45 26.23 -3.67
C PRO A 133 -5.37 27.33 -3.13
N ALA A 134 -6.54 27.55 -3.75
CA ALA A 134 -7.45 28.57 -3.24
C ALA A 134 -8.00 28.19 -1.87
N LEU A 135 -8.24 26.90 -1.65
CA LEU A 135 -8.68 26.46 -0.33
C LEU A 135 -7.58 26.69 0.70
N ASP A 136 -6.33 26.35 0.33
CA ASP A 136 -5.23 26.56 1.26
C ASP A 136 -5.12 28.01 1.69
N LYS A 137 -5.36 28.94 0.76
CA LYS A 137 -5.21 30.35 1.11
C LYS A 137 -6.20 30.74 2.18
N GLU A 138 -7.45 30.27 2.06
CA GLU A 138 -8.43 30.58 3.09
C GLU A 138 -8.09 29.91 4.42
N LEU A 139 -7.60 28.67 4.38
CA LEU A 139 -7.25 28.03 5.63
C LEU A 139 -6.03 28.66 6.27
N LYS A 140 -5.09 29.16 5.47
CA LYS A 140 -3.86 29.71 6.03
C LYS A 140 -4.15 30.96 6.86
N VAL A 141 -5.20 31.70 6.51
CA VAL A 141 -5.53 32.84 7.35
C VAL A 141 -6.07 32.38 8.70
N LYS A 142 -6.58 31.15 8.80
CA LYS A 142 -6.99 30.58 10.06
C LYS A 142 -5.88 29.79 10.75
N GLY A 143 -4.65 29.87 10.23
CA GLY A 143 -3.55 29.15 10.83
C GLY A 143 -3.53 27.68 10.52
N LYS A 144 -4.20 27.26 9.46
CA LYS A 144 -4.33 25.86 9.05
C LYS A 144 -3.81 25.71 7.62
N SER A 145 -3.85 24.50 7.10
CA SER A 145 -3.48 24.24 5.71
C SER A 145 -4.54 23.34 5.11
N ALA A 146 -4.62 23.33 3.79
CA ALA A 146 -5.57 22.48 3.09
C ALA A 146 -5.20 21.00 3.17
N ILE A 147 -3.96 20.65 2.86
CA ILE A 147 -3.62 19.23 2.73
C ILE A 147 -2.17 18.97 3.09
N MET A 148 -1.94 17.84 3.77
CA MET A 148 -0.60 17.34 4.01
C MET A 148 -0.59 15.83 3.87
N PHE A 149 0.37 15.32 3.12
CA PHE A 149 0.57 13.90 2.98
C PHE A 149 2.06 13.61 2.77
N ASN A 150 2.40 12.35 2.94
CA ASN A 150 3.78 11.89 2.81
C ASN A 150 4.34 12.13 1.42
N LEU A 151 5.29 13.06 1.32
CA LEU A 151 5.95 13.33 0.05
C LEU A 151 7.24 12.57 -0.13
N GLN A 152 7.68 11.77 0.86
CA GLN A 152 8.93 11.04 0.76
C GLN A 152 8.79 9.70 0.08
N GLU A 153 7.61 9.09 0.08
CA GLU A 153 7.40 7.79 -0.50
C GLU A 153 6.57 7.91 -1.77
N PRO A 154 7.06 7.35 -2.90
CA PRO A 154 6.37 7.57 -4.18
C PRO A 154 5.01 6.95 -4.27
N TYR A 155 4.71 5.98 -3.41
CA TYR A 155 3.36 5.44 -3.31
C TYR A 155 2.31 6.53 -3.18
N PHE A 156 2.62 7.59 -2.44
CA PHE A 156 1.62 8.62 -2.11
C PHE A 156 1.50 9.70 -3.19
N THR A 157 2.55 9.94 -3.97
CA THR A 157 2.53 10.91 -5.05
C THR A 157 2.16 10.30 -6.38
N TRP A 158 2.37 8.99 -6.53
CA TRP A 158 2.01 8.31 -7.77
C TRP A 158 0.58 8.55 -8.25
N PRO A 159 -0.46 8.57 -7.40
CA PRO A 159 -1.80 8.76 -7.97
C PRO A 159 -1.94 10.03 -8.81
N LEU A 160 -1.27 11.10 -8.40
CA LEU A 160 -1.29 12.36 -9.15
C LEU A 160 -0.43 12.26 -10.40
N ILE A 161 0.71 11.59 -10.31
CA ILE A 161 1.60 11.45 -11.47
C ILE A 161 0.92 10.61 -12.56
N ALA A 162 0.20 9.57 -12.17
CA ALA A 162 -0.48 8.70 -13.11
C ALA A 162 -1.73 9.33 -13.73
N ALA A 163 -2.34 10.32 -13.06
CA ALA A 163 -3.66 10.81 -13.46
C ALA A 163 -3.71 11.21 -14.92
N ASP A 164 -2.75 12.02 -15.37
CA ASP A 164 -2.75 12.52 -16.74
C ASP A 164 -2.00 11.63 -17.72
N GLY A 165 -1.47 10.48 -17.30
CA GLY A 165 -0.95 9.51 -18.25
C GLY A 165 0.29 8.75 -17.82
N GLY A 166 0.86 9.08 -16.66
CA GLY A 166 1.96 8.29 -16.14
C GLY A 166 1.57 6.84 -15.93
N TYR A 167 2.53 5.94 -16.17
CA TYR A 167 2.36 4.54 -15.83
C TYR A 167 3.71 3.89 -15.54
N ALA A 168 3.65 2.74 -14.89
CA ALA A 168 4.87 2.00 -14.54
C ALA A 168 5.27 1.15 -15.74
N PHE A 169 4.74 -0.07 -15.87
CA PHE A 169 5.01 -0.93 -17.01
C PHE A 169 3.73 -1.18 -17.79
N LYS A 170 3.82 -1.13 -19.11
CA LYS A 170 2.66 -1.39 -19.95
C LYS A 170 2.34 -2.87 -19.95
N PHE A 171 1.07 -3.21 -19.73
CA PHE A 171 0.61 -4.60 -19.77
C PHE A 171 0.06 -4.92 -21.15
N GLU A 172 0.51 -6.05 -21.73
CA GLU A 172 -0.04 -6.62 -22.95
C GLU A 172 -0.88 -7.83 -22.57
N ASN A 173 -2.18 -7.76 -22.84
CA ASN A 173 -3.14 -8.69 -22.26
C ASN A 173 -2.81 -10.16 -22.44
N LYS A 175 1.38 -10.24 -20.28
CA LYS A 175 2.74 -9.98 -19.84
C LYS A 175 2.97 -8.47 -19.74
N TYR A 176 3.79 -8.05 -18.78
CA TYR A 176 4.28 -6.68 -18.78
C TYR A 176 5.47 -6.55 -19.71
N ASP A 177 5.48 -5.46 -20.48
CA ASP A 177 6.60 -5.07 -21.32
C ASP A 177 7.55 -4.23 -20.46
N VAL A 178 8.64 -4.84 -20.00
CA VAL A 178 9.53 -4.17 -19.06
C VAL A 178 10.33 -3.04 -19.70
N LYS A 179 10.23 -2.87 -21.01
CA LYS A 179 10.90 -1.76 -21.67
C LYS A 179 9.93 -0.65 -22.06
N ASP A 180 8.63 -0.81 -21.80
CA ASP A 180 7.61 0.19 -22.11
C ASP A 180 7.20 0.78 -20.76
N VAL A 181 7.89 1.85 -20.36
CA VAL A 181 7.74 2.45 -19.05
C VAL A 181 7.24 3.87 -19.21
N GLY A 182 6.33 4.29 -18.33
CA GLY A 182 5.66 5.57 -18.50
C GLY A 182 5.99 6.61 -17.43
N VAL A 183 7.24 6.65 -17.02
CA VAL A 183 7.64 7.54 -15.95
C VAL A 183 7.98 8.94 -16.46
N ASP A 184 8.44 9.07 -17.73
CA ASP A 184 8.82 10.37 -18.25
C ASP A 184 7.98 10.81 -19.45
N ASN A 185 6.72 10.34 -19.54
CA ASN A 185 5.85 10.87 -20.56
C ASN A 185 5.21 12.18 -20.10
N ALA A 186 4.42 12.79 -21.01
CA ALA A 186 3.92 14.13 -20.77
C ALA A 186 2.94 14.14 -19.60
N GLY A 187 2.22 13.04 -19.42
CA GLY A 187 1.24 12.99 -18.33
C GLY A 187 1.91 12.92 -16.97
N ALA A 188 2.94 12.07 -16.86
CA ALA A 188 3.73 12.00 -15.65
C ALA A 188 4.31 13.36 -15.29
N LYS A 189 4.90 14.05 -16.28
CA LYS A 189 5.51 15.34 -16.02
C LYS A 189 4.47 16.37 -15.58
N ALA A 190 3.27 16.32 -16.15
CA ALA A 190 2.23 17.29 -15.79
C ALA A 190 1.84 17.14 -14.33
N GLY A 191 1.71 15.89 -13.87
CA GLY A 191 1.28 15.68 -12.50
C GLY A 191 2.39 16.03 -11.51
N LEU A 192 3.62 15.63 -11.82
CA LEU A 192 4.72 16.00 -10.93
C LEU A 192 4.96 17.51 -10.95
N THR A 193 4.76 18.16 -12.10
CA THR A 193 4.90 19.61 -12.13
C THR A 193 3.88 20.28 -11.23
N PHE A 194 2.64 19.78 -11.22
CA PHE A 194 1.64 20.36 -10.35
C PHE A 194 2.03 20.23 -8.88
N LEU A 195 2.51 19.04 -8.47
CA LEU A 195 3.04 18.87 -7.14
C LEU A 195 4.14 19.90 -6.85
N ILE A 196 5.09 20.04 -7.78
CA ILE A 196 6.18 20.97 -7.50
C ILE A 196 5.66 22.41 -7.43
N ASP A 197 4.69 22.76 -8.26
CA ASP A 197 4.09 24.08 -8.19
C ASP A 197 3.38 24.33 -6.85
N MET A 198 2.71 23.31 -6.28
CA MET A 198 2.12 23.52 -4.95
C MET A 198 3.21 23.76 -3.91
N ILE A 199 4.35 23.08 -4.05
CA ILE A 199 5.45 23.28 -3.11
C ILE A 199 6.02 24.69 -3.28
N LYS A 200 6.24 25.10 -4.53
CA LYS A 200 6.76 26.44 -4.76
C LYS A 200 5.84 27.51 -4.20
N ASN A 201 4.54 27.29 -4.28
CA ASN A 201 3.52 28.21 -3.79
C ASN A 201 3.28 28.07 -2.29
N LYS A 202 4.06 27.24 -1.61
CA LYS A 202 3.99 27.01 -0.17
C LYS A 202 2.63 26.45 0.26
N ASN A 203 1.95 25.74 -0.64
CA ASN A 203 0.79 24.95 -0.25
C ASN A 203 1.20 23.65 0.41
N MET A 204 2.40 23.15 0.10
CA MET A 204 2.96 22.01 0.78
C MET A 204 4.45 22.25 0.96
N SER A 205 5.08 21.40 1.78
CA SER A 205 6.50 21.47 2.06
C SER A 205 7.17 20.18 1.67
N ALA A 206 8.31 20.29 0.97
CA ALA A 206 8.94 19.11 0.41
C ALA A 206 9.39 18.13 1.48
N ASP A 207 9.54 18.56 2.72
CA ASP A 207 10.05 17.67 3.76
C ASP A 207 8.94 16.94 4.53
N THR A 208 7.68 17.16 4.18
CA THR A 208 6.60 16.44 4.86
C THR A 208 6.71 14.93 4.63
N ASP A 209 6.69 14.17 5.71
CA ASP A 209 6.77 12.72 5.68
C ASP A 209 5.51 12.14 6.35
N TYR A 210 5.53 10.83 6.57
CA TYR A 210 4.33 10.15 7.04
C TYR A 210 3.94 10.66 8.43
N SER A 211 4.91 10.72 9.35
CA SER A 211 4.63 11.14 10.72
C SER A 211 4.13 12.58 10.80
N ILE A 212 4.75 13.48 10.04
CA ILE A 212 4.37 14.88 10.09
C ILE A 212 2.95 15.07 9.61
N ALA A 213 2.61 14.41 8.50
CA ALA A 213 1.27 14.58 7.94
C ALA A 213 0.23 13.93 8.84
N GLU A 214 0.54 12.77 9.41
CA GLU A 214 -0.44 12.09 10.27
C GLU A 214 -0.70 12.94 11.51
N ALA A 215 0.36 13.46 12.12
CA ALA A 215 0.18 14.30 13.31
C ALA A 215 -0.62 15.55 12.98
N ALA A 216 -0.30 16.21 11.87
CA ALA A 216 -1.01 17.43 11.55
C ALA A 216 -2.48 17.15 11.29
N PHE A 217 -2.80 16.08 10.56
CA PHE A 217 -4.21 15.84 10.26
C PHE A 217 -4.95 15.46 11.54
N ASN A 218 -4.33 14.60 12.35
CA ASN A 218 -5.02 14.05 13.52
C ASN A 218 -5.14 15.06 14.66
N LYS A 219 -4.41 16.17 14.59
CA LYS A 219 -4.55 17.28 15.53
C LYS A 219 -5.42 18.41 15.00
N GLY A 220 -6.00 18.26 13.82
CA GLY A 220 -6.85 19.29 13.26
C GLY A 220 -6.10 20.47 12.66
N GLU A 221 -4.83 20.31 12.29
CA GLU A 221 -4.06 21.42 11.74
C GLU A 221 -4.14 21.53 10.23
N THR A 222 -4.45 20.44 9.54
CA THR A 222 -4.63 20.43 8.10
C THR A 222 -5.99 19.79 7.81
N ALA A 223 -6.64 20.27 6.76
CA ALA A 223 -8.00 19.85 6.47
C ALA A 223 -8.09 18.49 5.80
N MET A 224 -7.02 18.02 5.17
CA MET A 224 -7.07 16.81 4.37
C MET A 224 -5.72 16.11 4.44
N THR A 225 -5.74 14.81 4.19
CA THR A 225 -4.53 14.01 4.01
C THR A 225 -4.84 12.93 3.00
N ILE A 226 -3.80 12.21 2.60
CA ILE A 226 -3.91 11.08 1.70
C ILE A 226 -3.25 9.90 2.41
N ASN A 227 -4.02 8.85 2.65
CA ASN A 227 -3.50 7.67 3.34
C ASN A 227 -4.40 6.49 3.06
N GLY A 228 -3.96 5.31 3.56
CA GLY A 228 -4.64 4.06 3.35
C GLY A 228 -5.39 3.63 4.60
N PRO A 229 -6.02 2.46 4.53
CA PRO A 229 -6.89 2.03 5.64
C PRO A 229 -6.20 1.84 6.97
N TRP A 230 -4.92 1.46 6.96
CA TRP A 230 -4.18 1.25 8.19
C TRP A 230 -4.16 2.50 9.05
N ALA A 231 -4.33 3.69 8.44
CA ALA A 231 -4.26 4.93 9.19
C ALA A 231 -5.56 5.29 9.91
N TRP A 232 -6.68 4.65 9.58
CA TRP A 232 -7.97 5.10 10.12
C TRP A 232 -8.03 4.96 11.63
N SER A 233 -7.41 3.89 12.17
CA SER A 233 -7.50 3.59 13.59
C SER A 233 -6.99 4.76 14.44
N ASN A 234 -5.87 5.36 14.06
CA ASN A 234 -5.35 6.49 14.81
C ASN A 234 -6.26 7.71 14.67
N ILE A 235 -6.94 7.87 13.54
CA ILE A 235 -7.83 9.02 13.42
C ILE A 235 -9.08 8.76 14.27
N ASP A 236 -9.56 7.51 14.31
CA ASP A 236 -10.70 7.21 15.19
C ASP A 236 -10.43 7.68 16.61
N LYS A 237 -9.22 7.43 17.11
CA LYS A 237 -8.82 7.79 18.47
C LYS A 237 -8.62 9.30 18.66
N SER A 238 -8.40 10.03 17.57
CA SER A 238 -8.23 11.48 17.62
C SER A 238 -9.59 12.17 17.80
N LYS A 239 -9.50 13.49 17.98
CA LYS A 239 -10.69 14.33 18.08
C LYS A 239 -11.34 14.61 16.73
N VAL A 240 -10.69 14.26 15.63
CA VAL A 240 -11.13 14.67 14.31
C VAL A 240 -12.27 13.79 13.80
N ASN A 241 -13.30 14.44 13.29
CA ASN A 241 -14.39 13.77 12.57
C ASN A 241 -14.02 13.80 11.10
N TYR A 242 -13.67 12.62 10.56
CA TYR A 242 -13.13 12.50 9.23
C TYR A 242 -14.07 11.70 8.34
N GLY A 243 -13.96 11.98 7.05
CA GLY A 243 -14.58 11.18 6.01
C GLY A 243 -13.50 10.67 5.09
N VAL A 244 -13.83 9.66 4.30
CA VAL A 244 -12.93 9.04 3.34
C VAL A 244 -13.63 9.08 2.00
N THR A 245 -12.95 9.62 0.97
CA THR A 245 -13.64 9.86 -0.28
C THR A 245 -12.67 9.70 -1.46
N LEU A 246 -13.18 9.98 -2.65
CA LEU A 246 -12.35 9.89 -3.85
C LEU A 246 -11.21 10.90 -3.80
N LEU A 247 -10.04 10.46 -4.29
CA LEU A 247 -8.94 11.38 -4.52
C LEU A 247 -9.39 12.46 -5.51
N PRO A 248 -8.80 13.65 -5.42
CA PRO A 248 -9.16 14.71 -6.37
C PRO A 248 -8.75 14.32 -7.78
N THR A 249 -9.46 14.88 -8.76
CA THR A 249 -9.08 14.74 -10.15
C THR A 249 -7.98 15.75 -10.50
N PHE A 250 -7.31 15.45 -11.61
CA PHE A 250 -6.27 16.32 -12.15
C PHE A 250 -6.51 16.41 -13.64
N LYS A 251 -6.59 17.65 -14.14
CA LYS A 251 -6.96 17.90 -15.53
C LYS A 251 -8.21 17.12 -15.91
N GLY A 252 -9.15 17.02 -14.97
CA GLY A 252 -10.42 16.36 -15.19
C GLY A 252 -10.41 14.85 -15.13
N LYS A 253 -9.24 14.23 -14.93
CA LYS A 253 -9.07 12.80 -14.91
C LYS A 253 -8.87 12.30 -13.48
N PRO A 254 -9.32 11.09 -13.17
CA PRO A 254 -9.16 10.58 -11.80
C PRO A 254 -7.71 10.36 -11.44
N SER A 255 -7.37 10.64 -10.18
CA SER A 255 -6.12 10.16 -9.64
C SER A 255 -6.15 8.63 -9.64
N LYS A 256 -4.98 8.02 -9.87
CA LYS A 256 -4.88 6.60 -10.12
C LYS A 256 -3.95 5.97 -9.10
N PRO A 257 -4.45 5.63 -7.92
CA PRO A 257 -3.57 5.01 -6.93
C PRO A 257 -3.18 3.61 -7.39
N PHE A 258 -1.97 3.19 -7.01
CA PHE A 258 -1.58 1.79 -7.19
C PHE A 258 -2.29 0.93 -6.15
N VAL A 259 -2.88 -0.18 -6.58
CA VAL A 259 -3.60 -1.07 -5.68
C VAL A 259 -2.65 -2.16 -5.22
N GLY A 260 -2.53 -2.32 -3.91
CA GLY A 260 -1.67 -3.32 -3.29
C GLY A 260 -2.51 -4.40 -2.66
N VAL A 261 -2.08 -5.64 -2.80
CA VAL A 261 -2.71 -6.76 -2.13
C VAL A 261 -1.75 -7.19 -1.03
N LEU A 262 -2.10 -6.88 0.22
CA LEU A 262 -1.33 -7.39 1.34
C LEU A 262 -1.32 -8.90 1.26
N SER A 263 -0.12 -9.50 1.26
CA SER A 263 0.06 -10.93 1.00
C SER A 263 1.02 -11.55 2.01
N ALA A 264 0.83 -12.85 2.28
CA ALA A 264 1.66 -13.60 3.20
C ALA A 264 2.36 -14.68 2.43
N GLY A 265 3.67 -14.60 2.40
CA GLY A 265 4.50 -15.60 1.71
C GLY A 265 5.16 -16.51 2.74
N ILE A 266 5.37 -17.76 2.33
CA ILE A 266 6.07 -18.74 3.15
C ILE A 266 7.50 -18.90 2.63
N ASN A 267 8.47 -18.67 3.53
CA ASN A 267 9.89 -18.74 3.20
C ASN A 267 10.22 -20.14 2.70
N ALA A 268 10.91 -20.21 1.55
CA ALA A 268 11.34 -21.49 1.00
C ALA A 268 12.27 -22.25 1.93
N ALA A 269 12.96 -21.54 2.82
CA ALA A 269 13.83 -22.16 3.80
C ALA A 269 13.11 -22.56 5.08
N SER A 270 11.82 -22.26 5.21
CA SER A 270 11.13 -22.57 6.45
C SER A 270 11.04 -24.08 6.68
N PRO A 271 11.38 -24.57 7.86
CA PRO A 271 11.08 -25.97 8.21
C PRO A 271 9.66 -26.18 8.69
N ASN A 272 8.81 -25.15 8.59
CA ASN A 272 7.49 -25.14 9.20
C ASN A 272 6.39 -24.87 8.19
N LYS A 273 6.59 -25.33 6.95
CA LYS A 273 5.66 -24.97 5.90
C LYS A 273 4.26 -25.52 6.15
N GLU A 274 4.14 -26.72 6.72
CA GLU A 274 2.81 -27.24 7.02
C GLU A 274 2.13 -26.43 8.11
N LEU A 275 2.88 -26.02 9.14
CA LEU A 275 2.30 -25.18 10.19
C LEU A 275 1.90 -23.82 9.63
N ALA A 276 2.71 -23.27 8.74
CA ALA A 276 2.39 -21.96 8.19
C ALA A 276 1.10 -22.04 7.37
N LYS A 277 0.96 -23.08 6.57
CA LYS A 277 -0.27 -23.29 5.82
C LYS A 277 -1.47 -23.35 6.75
N GLU A 278 -1.35 -24.15 7.83
CA GLU A 278 -2.45 -24.27 8.79
C GLU A 278 -2.80 -22.92 9.40
N PHE A 279 -1.78 -22.17 9.84
CA PHE A 279 -2.02 -20.86 10.43
C PHE A 279 -2.71 -19.92 9.45
N LEU A 280 -2.18 -19.82 8.22
CA LEU A 280 -2.74 -18.85 7.30
C LEU A 280 -4.11 -19.25 6.80
N GLU A 281 -4.32 -20.53 6.50
CA GLU A 281 -5.58 -20.96 5.92
C GLU A 281 -6.68 -21.05 6.97
N ASN A 282 -6.38 -21.58 8.15
CA ASN A 282 -7.40 -21.94 9.09
C ASN A 282 -7.46 -21.07 10.34
N TYR A 283 -6.55 -20.11 10.49
CA TYR A 283 -6.63 -19.14 11.57
C TYR A 283 -6.70 -17.70 11.06
N LEU A 284 -5.75 -17.29 10.23
CA LEU A 284 -5.75 -15.90 9.80
C LEU A 284 -6.90 -15.61 8.84
N LEU A 285 -7.03 -16.44 7.79
CA LEU A 285 -8.01 -16.23 6.72
C LEU A 285 -9.36 -16.83 7.10
N THR A 286 -9.83 -16.38 8.25
CA THR A 286 -11.17 -16.63 8.75
C THR A 286 -11.81 -15.30 9.12
N ASP A 287 -13.13 -15.29 9.26
CA ASP A 287 -13.79 -14.06 9.68
C ASP A 287 -13.21 -13.55 10.99
N GLN A 288 -12.98 -14.45 11.94
CA GLN A 288 -12.49 -14.07 13.27
C GLN A 288 -11.03 -13.64 13.25
N GLY A 289 -10.19 -14.31 12.46
CA GLY A 289 -8.79 -13.93 12.39
C GLY A 289 -8.59 -12.56 11.76
N LEU A 290 -9.28 -12.30 10.65
CA LEU A 290 -9.18 -10.99 10.01
C LEU A 290 -9.78 -9.92 10.89
N GLU A 291 -10.87 -10.24 11.60
CA GLU A 291 -11.46 -9.25 12.50
C GLU A 291 -10.44 -8.80 13.53
N ALA A 292 -9.65 -9.74 14.07
CA ALA A 292 -8.70 -9.42 15.12
C ALA A 292 -7.63 -8.46 14.60
N VAL A 293 -7.13 -8.69 13.38
CA VAL A 293 -6.16 -7.78 12.79
C VAL A 293 -6.82 -6.44 12.48
N ASN A 294 -8.00 -6.49 11.86
CA ASN A 294 -8.72 -5.29 11.41
C ASN A 294 -9.05 -4.34 12.57
N LYS A 295 -9.41 -4.87 13.74
CA LYS A 295 -9.72 -4.02 14.87
C LYS A 295 -8.47 -3.36 15.45
N ASP A 296 -7.28 -3.87 15.13
CA ASP A 296 -6.02 -3.21 15.50
C ASP A 296 -5.75 -2.06 14.52
N LYS A 297 -5.46 -2.40 13.25
CA LYS A 297 -5.32 -1.44 12.18
C LYS A 297 -6.12 -1.96 11.00
N PRO A 298 -7.04 -1.17 10.44
CA PRO A 298 -7.89 -1.68 9.37
C PRO A 298 -7.11 -2.15 8.16
N LEU A 299 -7.53 -3.31 7.63
CA LEU A 299 -6.87 -3.95 6.51
C LEU A 299 -7.26 -3.35 5.17
N GLY A 300 -8.41 -2.69 5.10
CA GLY A 300 -8.97 -2.32 3.82
C GLY A 300 -10.07 -3.30 3.42
N ALA A 301 -10.27 -3.48 2.12
CA ALA A 301 -11.09 -4.57 1.64
C ALA A 301 -10.29 -5.83 1.89
N VAL A 302 -10.97 -6.94 2.17
CA VAL A 302 -10.23 -8.16 2.47
C VAL A 302 -10.45 -9.15 1.33
N ALA A 303 -9.49 -10.09 1.19
CA ALA A 303 -9.56 -11.11 0.15
C ALA A 303 -10.63 -12.16 0.45
N LEU A 304 -10.96 -12.36 1.73
CA LEU A 304 -11.93 -13.37 2.16
C LEU A 304 -13.35 -12.86 1.93
N LYS A 305 -14.05 -13.52 1.00
CA LYS A 305 -15.37 -13.05 0.57
C LYS A 305 -16.30 -12.89 1.77
N SER A 306 -16.32 -13.87 2.67
CA SER A 306 -17.31 -13.85 3.74
C SER A 306 -17.15 -12.64 4.64
N PHE A 307 -15.91 -12.24 4.94
CA PHE A 307 -15.68 -11.07 5.80
C PHE A 307 -15.80 -9.76 5.02
N GLN A 308 -15.39 -9.75 3.74
CA GLN A 308 -15.56 -8.55 2.91
C GLN A 308 -17.03 -8.15 2.81
N GLU A 309 -17.95 -9.13 2.82
CA GLU A 309 -19.37 -8.82 2.80
C GLU A 309 -19.76 -7.96 3.98
N GLN A 310 -19.13 -8.19 5.13
CA GLN A 310 -19.42 -7.44 6.35
C GLN A 310 -18.78 -6.05 6.33
N LEU A 311 -17.65 -5.87 5.64
CA LEU A 311 -16.98 -4.58 5.58
C LEU A 311 -17.52 -3.68 4.49
N ALA A 312 -18.10 -4.28 3.44
CA ALA A 312 -18.44 -3.53 2.23
C ALA A 312 -19.43 -2.41 2.50
N LYS A 313 -20.18 -2.49 3.60
CA LYS A 313 -21.15 -1.47 3.98
C LYS A 313 -20.47 -0.18 4.42
N ASP A 314 -19.27 -0.26 5.00
CA ASP A 314 -18.59 0.91 5.55
C ASP A 314 -18.25 1.93 4.46
N PRO A 315 -18.70 3.19 4.57
CA PRO A 315 -18.36 4.15 3.50
C PRO A 315 -16.86 4.29 3.29
N ARG A 316 -16.06 4.05 4.32
CA ARG A 316 -14.60 4.14 4.15
C ARG A 316 -14.10 3.04 3.21
N ILE A 317 -14.67 1.83 3.32
CA ILE A 317 -14.31 0.71 2.46
C ILE A 317 -14.84 0.94 1.06
N ALA A 318 -16.06 1.47 0.95
CA ALA A 318 -16.60 1.84 -0.36
C ALA A 318 -15.69 2.83 -1.06
N ALA A 319 -15.22 3.85 -0.34
CA ALA A 319 -14.33 4.83 -0.96
C ALA A 319 -13.01 4.18 -1.36
N THR A 320 -12.48 3.30 -0.51
CA THR A 320 -11.26 2.58 -0.83
C THR A 320 -11.42 1.83 -2.16
N MET A 321 -12.53 1.10 -2.30
CA MET A 321 -12.78 0.34 -3.53
CA MET A 321 -12.72 0.34 -3.54
C MET A 321 -13.01 1.25 -4.73
N ASP A 322 -13.64 2.41 -4.52
CA ASP A 322 -13.86 3.33 -5.62
C ASP A 322 -12.53 3.88 -6.14
N ASN A 323 -11.65 4.31 -5.23
CA ASN A 323 -10.32 4.72 -5.67
C ASN A 323 -9.56 3.57 -6.32
N ALA A 324 -9.67 2.36 -5.76
CA ALA A 324 -8.96 1.21 -6.32
C ALA A 324 -9.38 0.97 -7.76
N GLN A 325 -10.67 1.13 -8.07
CA GLN A 325 -11.16 0.82 -9.41
C GLN A 325 -10.72 1.86 -10.42
N LYS A 326 -10.41 3.07 -9.99
CA LYS A 326 -9.86 4.09 -10.87
C LYS A 326 -8.37 3.94 -11.03
N GLY A 327 -7.71 3.20 -10.15
CA GLY A 327 -6.29 3.00 -10.22
C GLY A 327 -5.92 1.73 -10.95
N GLU A 328 -4.73 1.24 -10.65
CA GLU A 328 -4.19 0.05 -11.28
C GLU A 328 -3.61 -0.89 -10.24
N ILE A 329 -3.81 -2.19 -10.43
CA ILE A 329 -3.12 -3.17 -9.62
C ILE A 329 -1.63 -3.07 -9.89
N MET A 330 -0.84 -3.12 -8.83
CA MET A 330 0.59 -3.11 -9.02
C MET A 330 1.05 -4.36 -9.78
N PRO A 331 2.01 -4.23 -10.68
CA PRO A 331 2.73 -5.42 -11.13
C PRO A 331 3.43 -6.10 -9.96
N ASN A 332 3.61 -7.42 -10.08
CA ASN A 332 4.44 -8.14 -9.12
C ASN A 332 5.82 -8.52 -9.67
N ILE A 333 6.17 -8.05 -10.86
CA ILE A 333 7.41 -8.46 -11.53
C ILE A 333 8.64 -7.98 -10.76
N PRO A 334 9.79 -8.63 -10.93
CA PRO A 334 11.00 -8.22 -10.19
C PRO A 334 11.39 -6.78 -10.43
N GLN A 335 11.11 -6.24 -11.61
CA GLN A 335 11.47 -4.88 -11.98
C GLN A 335 10.70 -3.82 -11.19
N MET A 336 9.68 -4.20 -10.42
CA MET A 336 8.90 -3.22 -9.69
C MET A 336 9.72 -2.49 -8.66
N SER A 337 10.69 -3.15 -8.04
CA SER A 337 11.53 -2.49 -7.04
CA SER A 337 11.49 -2.47 -7.04
C SER A 337 12.41 -1.43 -7.70
N ALA A 338 12.95 -1.73 -8.88
CA ALA A 338 13.70 -0.72 -9.62
C ALA A 338 12.83 0.48 -9.94
N PHE A 339 11.58 0.25 -10.38
CA PHE A 339 10.64 1.33 -10.62
C PHE A 339 10.51 2.20 -9.37
N TRP A 340 10.25 1.57 -8.21
CA TRP A 340 9.98 2.37 -7.03
C TRP A 340 11.20 3.15 -6.56
N TYR A 341 12.38 2.54 -6.57
CA TYR A 341 13.58 3.24 -6.14
C TYR A 341 13.86 4.43 -7.04
N ALA A 342 13.66 4.25 -8.35
CA ALA A 342 13.97 5.33 -9.30
C ALA A 342 12.97 6.46 -9.17
N VAL A 343 11.68 6.13 -9.04
CA VAL A 343 10.67 7.17 -8.91
C VAL A 343 10.80 7.90 -7.57
N ARG A 344 11.13 7.18 -6.50
CA ARG A 344 11.39 7.84 -5.23
CA ARG A 344 11.39 7.85 -5.22
C ARG A 344 12.43 8.94 -5.40
N THR A 345 13.58 8.62 -5.99
CA THR A 345 14.63 9.61 -6.17
C THR A 345 14.13 10.76 -7.03
N ALA A 346 13.38 10.46 -8.09
CA ALA A 346 12.91 11.53 -8.97
C ALA A 346 12.03 12.51 -8.22
N VAL A 347 11.07 12.01 -7.46
CA VAL A 347 10.14 12.90 -6.79
C VAL A 347 10.86 13.73 -5.74
N ILE A 348 11.69 13.09 -4.92
CA ILE A 348 12.42 13.84 -3.91
C ILE A 348 13.30 14.89 -4.55
N ASN A 349 13.98 14.53 -5.65
CA ASN A 349 14.88 15.49 -6.27
C ASN A 349 14.11 16.66 -6.87
N ALA A 350 12.98 16.39 -7.51
CA ALA A 350 12.19 17.47 -8.08
C ALA A 350 11.60 18.36 -6.99
N ALA A 351 11.12 17.74 -5.90
CA ALA A 351 10.43 18.50 -4.87
C ALA A 351 11.41 19.35 -4.07
N SER A 352 12.66 18.92 -3.96
CA SER A 352 13.68 19.64 -3.22
C SER A 352 14.48 20.62 -4.09
N GLY A 353 14.23 20.67 -5.39
CA GLY A 353 14.98 21.51 -6.29
C GLY A 353 16.33 20.99 -6.71
N ARG A 354 16.65 19.72 -6.43
CA ARG A 354 17.91 19.14 -6.89
C ARG A 354 17.89 18.80 -8.38
N GLN A 355 16.72 18.65 -8.97
CA GLN A 355 16.55 18.44 -10.40
C GLN A 355 15.28 19.14 -10.84
N THR A 356 15.22 19.52 -12.11
CA THR A 356 13.96 19.88 -12.73
C THR A 356 13.07 18.63 -12.80
N VAL A 357 11.77 18.85 -12.97
CA VAL A 357 10.84 17.75 -13.18
C VAL A 357 11.29 16.90 -14.37
N ASP A 358 11.59 17.56 -15.50
CA ASP A 358 11.94 16.78 -16.70
C ASP A 358 13.22 15.98 -16.49
N ALA A 359 14.24 16.61 -15.90
CA ALA A 359 15.51 15.90 -15.75
C ALA A 359 15.36 14.74 -14.76
N ALA A 360 14.57 14.95 -13.70
CA ALA A 360 14.38 13.91 -12.71
C ALA A 360 13.68 12.70 -13.30
N LEU A 361 12.59 12.94 -14.04
CA LEU A 361 11.83 11.81 -14.57
C LEU A 361 12.56 11.16 -15.73
N LYS A 362 13.31 11.93 -16.54
CA LYS A 362 14.12 11.28 -17.57
C LYS A 362 15.15 10.35 -16.96
N ASP A 363 15.83 10.81 -15.90
CA ASP A 363 16.80 9.94 -15.26
C ASP A 363 16.14 8.68 -14.70
N ALA A 364 14.95 8.82 -14.12
CA ALA A 364 14.27 7.63 -13.61
C ALA A 364 13.95 6.66 -14.73
N GLN A 365 13.37 7.17 -15.81
CA GLN A 365 13.09 6.35 -16.99
C GLN A 365 14.32 5.58 -17.44
N SER A 366 15.46 6.27 -17.55
CA SER A 366 16.70 5.62 -17.98
C SER A 366 17.11 4.50 -17.01
N ARG A 367 17.00 4.75 -15.71
CA ARG A 367 17.36 3.77 -14.70
C ARG A 367 16.49 2.53 -14.79
N ILE A 368 15.20 2.71 -15.04
CA ILE A 368 14.28 1.59 -14.99
C ILE A 368 14.42 0.72 -16.23
N THR A 369 14.73 1.33 -17.36
CA THR A 369 14.83 0.61 -18.60
C THR A 369 16.28 0.42 -19.03
C1 GLC B . 1.85 1.08 3.10
C2 GLC B . 1.28 0.13 2.04
C3 GLC B . 2.39 -0.30 1.09
C4 GLC B . 3.16 0.92 0.57
C5 GLC B . 3.68 1.78 1.70
C6 GLC B . 4.32 3.08 1.20
O1 GLC B . 2.68 0.30 3.94
O2 GLC B . 0.75 -1.02 2.63
O3 GLC B . 1.84 -1.06 0.02
O4 GLC B . 4.28 0.47 -0.20
O5 GLC B . 2.58 2.14 2.55
O6 GLC B . 5.08 3.72 2.25
H1 GLC B . 1.03 1.53 3.66
H2 GLC B . 0.48 0.65 1.51
H3 GLC B . 3.09 -0.91 1.65
H4 GLC B . 2.50 1.50 -0.08
H5 GLC B . 4.45 1.22 2.23
H61 GLC B . 3.55 3.76 0.84
H62 GLC B . 4.98 2.86 0.35
HO1 GLC B . 2.60 0.61 4.87
HO2 GLC B . -0.11 -1.25 2.21
HO3 GLC B . 2.49 -1.08 -0.72
HO6 GLC B . 4.52 4.42 2.66
C1 GLC B . 4.20 0.48 -1.60
C2 GLC B . 4.76 -0.83 -2.15
C3 GLC B . 6.20 -0.90 -1.73
C4 GLC B . 6.82 0.39 -2.23
C5 GLC B . 6.26 1.68 -1.73
C6 GLC B . 6.92 2.86 -2.44
O2 GLC B . 4.02 -1.91 -1.61
O3 GLC B . 6.88 -2.09 -2.22
O4 GLC B . 8.16 0.34 -1.57
O5 GLC B . 4.92 1.60 -2.10
O6 GLC B . 6.55 4.06 -1.79
H1 GLC B . 3.16 0.55 -1.92
H2 GLC B . 4.66 -0.82 -3.23
H3 GLC B . 6.21 -0.93 -0.65
H4 GLC B . 6.88 0.41 -3.31
H5 GLC B . 6.45 1.75 -0.65
H61 GLC B . 6.62 2.90 -3.48
H62 GLC B . 8.01 2.75 -2.41
HO2 GLC B . 4.07 -2.67 -2.21
HO3 GLC B . 6.52 -2.33 -3.09
HO6 GLC B . 7.11 4.19 -1.00
C1 MPD C . -21.27 -0.86 10.45
C2 MPD C . -20.64 -1.04 9.06
O2 MPD C . -20.65 -2.46 8.74
CM MPD C . -19.18 -0.65 9.13
C3 MPD C . -21.37 -0.27 7.97
C4 MPD C . -21.60 1.21 8.27
O4 MPD C . -20.37 1.89 8.42
C5 MPD C . -22.38 1.92 7.17
H11 MPD C . -21.27 0.20 10.72
H12 MPD C . -20.69 -1.43 11.18
H13 MPD C . -22.30 -1.23 10.43
HO2 MPD C . -20.25 -2.60 7.86
HM1 MPD C . -18.72 -0.78 8.16
HM2 MPD C . -18.67 -1.28 9.86
HM3 MPD C . -19.10 0.40 9.44
H31 MPD C . -22.33 -0.75 7.78
H32 MPD C . -20.78 -0.35 7.04
H4 MPD C . -22.18 1.22 9.19
HO4 MPD C . -20.52 2.78 8.82
H51 MPD C . -22.50 2.98 7.44
H52 MPD C . -23.36 1.46 7.06
H53 MPD C . -21.83 1.85 6.23
CA' 2ME D . 17.95 9.36 -3.53
CB' 2ME D . 17.28 10.60 -2.95
OC' 2ME D . 18.18 11.67 -2.77
CD' 2ME D . 18.85 12.10 -3.93
HA'1 2ME D . 18.02 9.46 -4.49
HA'2 2ME D . 18.83 9.26 -3.14
HA'3 2ME D . 17.41 8.58 -3.32
HB'1 2ME D . 16.89 10.38 -2.09
HB'2 2ME D . 16.56 10.89 -3.54
HD'1 2ME D . 18.25 12.03 -4.69
HD'2 2ME D . 19.11 13.03 -3.82
HD'3 2ME D . 19.63 11.55 -4.07
CA' 2ME E . -12.51 -6.94 -2.57
CB' 2ME E . -13.31 -6.61 -3.83
OC' 2ME E . -14.65 -6.32 -3.51
CD' 2ME E . -15.16 -5.25 -4.27
HA'1 2ME E . -12.51 -6.17 -1.98
HA'2 2ME E . -12.91 -7.69 -2.12
HA'3 2ME E . -11.59 -7.16 -2.82
HB'1 2ME E . -12.91 -5.85 -4.27
HB'2 2ME E . -13.28 -7.37 -4.43
HD'1 2ME E . -16.11 -5.14 -4.08
HD'2 2ME E . -14.70 -4.43 -4.03
HD'3 2ME E . -15.05 -5.44 -5.21
CA' 2ME F . 9.12 1.26 4.47
CB' 2ME F . 9.53 1.43 3.01
OC' 2ME F . 8.42 1.31 2.15
CD' 2ME F . 7.45 2.32 2.28
HA'1 2ME F . 8.43 0.58 4.53
HA'2 2ME F . 9.89 0.97 5.00
HA'3 2ME F . 8.79 2.10 4.81
HB'1 2ME F . 9.94 2.30 2.89
HB'2 2ME F . 10.18 0.74 2.78
HD'1 2ME F . 6.83 2.08 2.98
HD'2 2ME F . 7.89 3.16 2.51
HD'3 2ME F . 6.98 2.42 1.45
CA' 2ME G . 19.92 9.29 1.96
CB' 2ME G . 19.45 8.92 0.55
OC' 2ME G . 18.69 9.94 -0.05
CD' 2ME G . 17.81 10.62 0.80
HA'1 2ME G . 20.63 8.70 2.24
HA'2 2ME G . 20.26 10.20 1.95
HA'3 2ME G . 19.17 9.23 2.58
HB'1 2ME G . 20.24 8.75 -0.01
HB'2 2ME G . 18.92 8.11 0.60
HD'1 2ME G . 17.15 11.09 0.27
HD'2 2ME G . 18.30 11.26 1.33
HD'3 2ME G . 17.37 9.98 1.39
MG MG H . 8.46 -21.01 -6.47
MG MG I . 13.27 10.93 2.67
MG MG J . 10.27 -1.01 5.36
C1 ASO K . 13.92 0.92 1.33
C2 ASO K . 13.45 1.20 2.86
C3 ASO K . 13.29 2.60 3.04
C4 ASO K . 14.31 3.10 2.16
C5 ASO K . 14.12 3.34 0.71
C6 ASO K . 15.13 4.23 0.04
O2 ASO K . 12.22 0.44 3.05
O3 ASO K . 13.64 2.50 4.43
O4 ASO K . 14.27 4.51 2.34
O5 ASO K . 14.26 2.00 0.27
O6 ASO K . 16.44 3.64 0.19
H1 ASO K . 13.20 0.40 0.93
H12 ASO K . 14.71 0.37 1.40
H2 ASO K . 14.08 0.89 3.52
H3 ASO K . 12.49 3.12 2.89
H4 ASO K . 15.03 2.47 2.36
H5 ASO K . 13.31 3.84 0.48
H61 ASO K . 15.11 5.10 0.45
H62 ASO K . 14.92 4.30 -0.91
HO2 ASO K . 12.51 -0.33 3.23
HO3 ASO K . 12.98 2.83 4.84
HO4 ASO K . 14.96 4.52 2.37
HO6 ASO K . 16.94 4.00 -0.41
C1 ASO L . 15.16 5.32 4.97
C2 ASO L . 14.66 6.81 4.54
C3 ASO L . 15.26 7.45 3.36
C4 ASO L . 16.71 7.23 3.33
C5 ASO L . 17.04 5.78 3.10
C6 ASO L . 18.52 5.53 3.26
O2 ASO L . 13.17 6.68 4.40
O3 ASO L . 15.01 8.84 3.80
O4 ASO L . 17.24 7.94 2.20
O5 ASO L . 16.35 4.87 4.05
O6 ASO L . 19.04 4.93 2.02
H1 ASO L . 14.43 4.69 4.87
H12 ASO L . 15.45 5.34 5.88
H2 ASO L . 14.92 7.42 5.24
H3 ASO L . 14.93 7.18 2.50
H4 ASO L . 17.12 7.54 4.16
H5 ASO L . 16.77 5.59 2.18
H61 ASO L . 18.67 4.92 3.99
H62 ASO L . 18.98 6.37 3.42
HO2 ASO L . 12.90 6.64 5.21
HO3 ASO L . 14.51 9.23 3.25
HO4 ASO L . 17.55 8.66 2.51
HO6 ASO L . 19.81 4.60 2.17
C1 ASO M . 9.68 0.09 -2.97
C2 ASO M . 10.51 -0.94 -2.14
C3 ASO M . 10.90 -0.55 -0.85
C4 ASO M . 11.35 0.75 -1.32
C5 ASO M . 10.57 1.96 -1.59
C6 ASO M . 11.36 3.23 -1.79
O2 ASO M . 9.65 -2.13 -2.05
O3 ASO M . 12.02 -1.37 -0.43
O4 ASO M . 11.57 1.35 -0.05
O5 ASO M . 10.01 1.56 -2.82
O6 ASO M . 10.28 4.19 -2.03
H1 ASO M . 9.79 -0.14 -3.90
H12 ASO M . 8.75 -0.01 -2.71
H2 ASO M . 11.33 -1.12 -2.61
H3 ASO M . 10.31 -0.58 -0.09
H4 ASO M . 11.87 0.50 -2.09
H5 ASO M . 9.99 2.24 -0.86
H61 ASO M . 11.87 3.45 -1.00
H62 ASO M . 11.96 3.16 -2.55
HO2 ASO M . 9.86 -2.59 -2.72
HO3 ASO M . 11.75 -1.79 0.25
HO4 ASO M . 12.18 1.45 -0.47
HO6 ASO M . 10.61 4.96 -2.15
C TRS N . 0.02 -0.63 17.31
C1 TRS N . 0.00 0.87 17.04
C2 TRS N . -0.47 -1.27 16.00
C3 TRS N . -1.18 -0.81 18.26
N TRS N . 1.43 -0.98 17.95
O1 TRS N . 1.08 1.15 16.18
O2 TRS N . -0.20 -2.64 15.89
O3 TRS N . -1.85 -2.05 18.08
H11 TRS N . 0.10 1.43 17.98
H12 TRS N . -0.95 1.16 16.58
H21 TRS N . 0.01 -0.75 15.15
H22 TRS N . -1.55 -1.12 15.90
H31 TRS N . -1.88 0.00 18.09
H32 TRS N . -0.83 -0.75 19.29
HN1 TRS N . 1.49 -1.26 18.92
HN2 TRS N . 2.16 -0.27 17.97
HN3 TRS N . 1.98 -1.73 17.56
HO1 TRS N . 1.09 2.12 15.98
HO2 TRS N . -1.03 -3.15 15.95
HO3 TRS N . -2.72 -1.90 17.66
C TRS O . -13.16 26.91 4.79
C1 TRS O . -14.30 26.86 5.81
C2 TRS O . -13.77 27.67 3.57
C3 TRS O . -13.01 25.45 4.32
N TRS O . -11.91 27.56 5.52
O1 TRS O . -13.89 26.17 6.97
O2 TRS O . -15.05 27.17 3.13
O3 TRS O . -14.16 24.88 3.69
H11 TRS O . -15.17 26.35 5.37
H12 TRS O . -14.61 27.87 6.08
H21 TRS O . -13.06 27.61 2.73
H22 TRS O . -13.88 28.72 3.83
H31 TRS O . -12.74 24.83 5.17
H32 TRS O . -12.17 25.41 3.61
HN1 TRS O . -11.55 27.12 6.37
HN2 TRS O . -11.96 28.50 5.88
HN3 TRS O . -11.03 27.65 5.04
HO1 TRS O . -14.63 26.14 7.61
HO2 TRS O . -15.18 26.27 3.49
HO3 TRS O . -14.49 24.14 4.24
C1 GOL P . -1.79 -9.50 -11.82
O1 GOL P . -2.59 -9.04 -10.80
C2 GOL P . -0.63 -8.52 -12.04
O2 GOL P . -1.01 -7.21 -11.82
C3 GOL P . 0.48 -8.98 -11.07
O3 GOL P . 1.70 -8.84 -11.77
H11 GOL P . -2.28 -9.59 -12.65
H12 GOL P . -1.42 -10.37 -11.63
HO1 GOL P . -2.34 -8.22 -10.66
H2 GOL P . -0.33 -8.55 -12.96
HO2 GOL P . -0.62 -6.72 -12.40
H31 GOL P . 0.31 -9.89 -10.79
H32 GOL P . 0.45 -8.45 -10.26
HO3 GOL P . 2.07 -9.61 -11.79
C1 GOL Q . 19.60 1.84 2.85
O1 GOL Q . 19.29 1.92 4.23
C2 GOL Q . 18.56 0.87 2.21
O2 GOL Q . 17.30 1.05 2.73
C3 GOL Q . 18.65 1.14 0.68
O3 GOL Q . 17.34 1.15 0.14
H11 GOL Q . 20.50 1.50 2.69
H12 GOL Q . 19.56 2.70 2.40
HO1 GOL Q . 19.88 2.45 4.58
H2 GOL Q . 18.77 -0.06 2.39
HO2 GOL Q . 16.89 0.31 2.68
H31 GOL Q . 19.22 0.45 0.28
H32 GOL Q . 19.12 1.97 0.55
HO3 GOL Q . 17.06 1.97 0.16
#